data_7M1B
#
_entry.id   7M1B
#
_cell.length_a   74.650
_cell.length_b   48.790
_cell.length_c   112.660
_cell.angle_alpha   90.000
_cell.angle_beta   103.602
_cell.angle_gamma   90.000
#
_symmetry.space_group_name_H-M   'C 1 2 1'
#
loop_
_entity.id
_entity.type
_entity.pdbx_description
1 polymer 'Galactose-binding-like protein'
2 non-polymer 1,2-ETHANEDIOL
3 water water
#
_entity_poly.entity_id   1
_entity_poly.type   'polypeptide(L)'
_entity_poly.pdbx_seq_one_letter_code
;CEDVETHKPYGDGSGHAPGTVQVTSYEQIPGGVTLKFIAPTDEDLLYIKIKYTLDNGKEMEARASLYTDETTIEGFGNTN
PKKLVISAVNKMEKEGEAIITEIVPGKPAYLTAIEEIEVNPTFGGIYIHTTNGGRNYLIFDVSTKDSKGNWNIEHTEYTS
VKNIGFTLRGFSAEPHDFKVRVRDLYDNQSEEYLTTLTPLYEEKLDLTKFKTFYLANDIKMDNAGHTLESLFNGDHGLNS
WNYAHGYDFNPSEFPVWFTFDMGQTAQLSRFTSWQRSMGGSYYYRAGAIKEWEVWGRSDLPSSDGSWDGWTKLADCESIK
PSGWPTGSNSEEDITYASKGEEFEFLADIPPVRYIRFKILSTHDGAGLVVMQQLWFYGTPIQ
;
_entity_poly.pdbx_strand_id   AAA
#
loop_
_chem_comp.id
_chem_comp.type
_chem_comp.name
_chem_comp.formula
EDO non-polymer 1,2-ETHANEDIOL 'C2 H6 O2'
#
# COMPACT_ATOMS: atom_id res chain seq x y z
N PRO A 108 -28.47 -20.34 9.19
CA PRO A 108 -28.19 -20.49 7.66
C PRO A 108 -27.10 -19.46 7.32
N ALA A 109 -26.19 -19.77 6.38
CA ALA A 109 -25.09 -18.85 6.08
C ALA A 109 -25.61 -17.53 5.51
N TYR A 110 -26.66 -17.55 4.69
CA TYR A 110 -27.02 -16.28 4.03
C TYR A 110 -27.57 -15.25 5.04
N LEU A 111 -28.13 -15.79 6.13
CA LEU A 111 -28.73 -14.97 7.17
C LEU A 111 -27.65 -14.39 8.08
N THR A 112 -26.70 -15.23 8.50
CA THR A 112 -25.56 -14.74 9.27
C THR A 112 -24.84 -13.70 8.44
N ALA A 113 -24.75 -13.96 7.11
CA ALA A 113 -24.03 -13.01 6.26
C ALA A 113 -24.65 -11.62 6.25
N ILE A 114 -25.99 -11.55 6.08
CA ILE A 114 -26.67 -10.25 6.04
C ILE A 114 -26.69 -9.59 7.43
N GLU A 115 -26.72 -10.42 8.49
CA GLU A 115 -26.84 -9.92 9.85
C GLU A 115 -25.53 -9.31 10.38
N GLU A 116 -24.41 -9.87 9.95
CA GLU A 116 -23.09 -9.46 10.43
C GLU A 116 -22.40 -8.51 9.44
N ILE A 117 -23.10 -8.07 8.37
CA ILE A 117 -22.46 -7.38 7.26
C ILE A 117 -22.02 -6.02 7.78
N GLU A 118 -20.84 -5.59 7.28
CA GLU A 118 -20.35 -4.24 7.46
C GLU A 118 -20.02 -3.67 6.09
N VAL A 119 -20.39 -2.42 5.84
CA VAL A 119 -20.11 -1.78 4.57
C VAL A 119 -19.45 -0.44 4.88
N ASN A 120 -18.21 -0.29 4.39
CA ASN A 120 -17.46 0.93 4.70
C ASN A 120 -17.06 1.62 3.41
N PRO A 121 -16.84 2.95 3.41
CA PRO A 121 -16.31 3.61 2.22
C PRO A 121 -14.89 3.10 1.94
N THR A 122 -14.59 3.04 0.62
CA THR A 122 -13.21 2.89 0.17
C THR A 122 -13.00 3.83 -1.04
N PHE A 123 -11.77 3.85 -1.58
CA PHE A 123 -11.45 4.76 -2.69
C PHE A 123 -12.30 4.42 -3.90
N GLY A 124 -13.21 5.35 -4.25
CA GLY A 124 -14.07 5.27 -5.43
C GLY A 124 -15.19 4.21 -5.25
N GLY A 125 -15.48 3.83 -4.01
CA GLY A 125 -16.59 2.89 -3.81
C GLY A 125 -16.75 2.45 -2.38
N ILE A 126 -17.15 1.15 -2.24
CA ILE A 126 -17.43 0.62 -0.93
C ILE A 126 -16.69 -0.71 -0.77
N TYR A 127 -16.42 -1.02 0.49
CA TYR A 127 -15.84 -2.29 0.87
C TYR A 127 -16.89 -3.04 1.69
N ILE A 128 -17.20 -4.25 1.26
CA ILE A 128 -18.23 -5.06 1.93
C ILE A 128 -17.57 -6.24 2.63
N HIS A 129 -17.82 -6.40 3.93
CA HIS A 129 -17.23 -7.52 4.67
C HIS A 129 -18.28 -8.20 5.55
N THR A 130 -18.16 -9.52 5.65
CA THR A 130 -19.04 -10.28 6.55
C THR A 130 -18.36 -11.57 6.94
N THR A 131 -19.07 -12.39 7.73
CA THR A 131 -18.51 -13.64 8.25
C THR A 131 -19.27 -14.86 7.70
N ASN A 132 -18.52 -15.95 7.61
CA ASN A 132 -18.97 -17.14 6.91
C ASN A 132 -18.15 -18.30 7.44
N GLY A 133 -18.25 -18.54 8.77
CA GLY A 133 -17.41 -19.53 9.45
C GLY A 133 -17.57 -20.95 8.92
N GLY A 134 -18.70 -21.22 8.24
CA GLY A 134 -18.92 -22.50 7.57
C GLY A 134 -18.28 -22.64 6.18
N ARG A 135 -17.76 -21.57 5.57
CA ARG A 135 -17.22 -21.63 4.21
C ARG A 135 -18.32 -22.12 3.25
N ASN A 136 -19.47 -21.45 3.42
CA ASN A 136 -20.57 -21.78 2.54
C ASN A 136 -20.45 -20.86 1.35
N TYR A 137 -21.19 -21.23 0.31
CA TYR A 137 -21.13 -20.54 -0.96
C TYR A 137 -22.25 -19.52 -1.04
N LEU A 138 -21.87 -18.24 -1.02
CA LEU A 138 -22.80 -17.11 -0.90
C LEU A 138 -22.65 -16.30 -2.19
N ILE A 139 -23.73 -15.60 -2.59
CA ILE A 139 -23.80 -14.71 -3.77
C ILE A 139 -24.29 -13.35 -3.29
N PHE A 140 -23.43 -12.35 -3.49
CA PHE A 140 -23.81 -11.03 -3.03
C PHE A 140 -24.22 -10.20 -4.24
N ASP A 141 -25.44 -9.65 -4.21
CA ASP A 141 -25.90 -8.80 -5.31
C ASP A 141 -25.91 -7.37 -4.78
N VAL A 142 -25.12 -6.47 -5.41
CA VAL A 142 -24.94 -5.13 -4.84
C VAL A 142 -25.49 -4.08 -5.82
N SER A 143 -26.53 -3.36 -5.36
CA SER A 143 -27.28 -2.48 -6.25
C SER A 143 -27.02 -1.01 -5.92
N THR A 144 -27.07 -0.19 -6.98
CA THR A 144 -27.10 1.25 -6.82
C THR A 144 -28.18 1.78 -7.74
N LYS A 145 -28.56 3.05 -7.55
CA LYS A 145 -29.65 3.65 -8.32
C LYS A 145 -29.10 4.18 -9.65
N GLU A 154 -25.04 -3.82 -9.63
CA GLU A 154 -23.82 -3.23 -10.28
C GLU A 154 -22.63 -4.18 -10.13
N HIS A 155 -22.82 -5.18 -9.26
CA HIS A 155 -21.83 -6.22 -8.99
C HIS A 155 -22.52 -7.38 -8.28
N THR A 156 -22.01 -8.57 -8.62
CA THR A 156 -22.31 -9.82 -7.93
C THR A 156 -21.00 -10.51 -7.55
N GLU A 157 -20.82 -10.73 -6.23
CA GLU A 157 -19.68 -11.48 -5.71
C GLU A 157 -20.05 -12.93 -5.43
N TYR A 158 -19.14 -13.85 -5.81
CA TYR A 158 -19.35 -15.27 -5.61
C TYR A 158 -18.19 -15.84 -4.80
N THR A 159 -18.45 -16.22 -3.53
CA THR A 159 -17.35 -16.42 -2.61
C THR A 159 -17.72 -17.53 -1.63
N SER A 160 -16.71 -18.31 -1.17
CA SER A 160 -17.00 -19.07 0.04
C SER A 160 -15.96 -18.85 1.15
N VAL A 161 -15.17 -17.75 1.11
CA VAL A 161 -14.15 -17.62 2.13
C VAL A 161 -14.80 -17.37 3.51
N LYS A 162 -14.05 -17.64 4.59
CA LYS A 162 -14.52 -17.41 5.96
C LYS A 162 -14.68 -15.93 6.24
N ASN A 163 -13.66 -15.13 5.88
CA ASN A 163 -13.64 -13.69 6.14
C ASN A 163 -13.87 -13.02 4.80
N ILE A 164 -15.14 -12.72 4.52
CA ILE A 164 -15.57 -12.26 3.19
C ILE A 164 -15.22 -10.80 3.15
N GLY A 165 -14.63 -10.34 2.06
CA GLY A 165 -14.29 -8.91 1.90
C GLY A 165 -14.12 -8.63 0.40
N PHE A 166 -14.86 -7.67 -0.15
CA PHE A 166 -14.74 -7.37 -1.58
C PHE A 166 -15.13 -5.93 -1.80
N THR A 167 -14.79 -5.36 -2.97
CA THR A 167 -15.03 -3.94 -3.18
C THR A 167 -15.82 -3.74 -4.47
N LEU A 168 -16.56 -2.64 -4.49
CA LEU A 168 -17.09 -2.11 -5.73
C LEU A 168 -16.49 -0.73 -5.88
N ARG A 169 -16.05 -0.40 -7.10
CA ARG A 169 -15.43 0.90 -7.34
C ARG A 169 -16.15 1.54 -8.53
N GLY A 170 -15.67 2.72 -8.95
CA GLY A 170 -16.26 3.45 -10.05
C GLY A 170 -17.22 4.55 -9.60
N PHE A 171 -17.19 4.94 -8.32
CA PHE A 171 -18.17 5.88 -7.82
C PHE A 171 -17.50 7.21 -7.43
N SER A 172 -18.25 8.27 -7.64
CA SER A 172 -17.84 9.59 -7.24
C SER A 172 -17.82 9.76 -5.70
N ALA A 173 -17.01 10.71 -5.16
CA ALA A 173 -16.98 10.92 -3.71
C ALA A 173 -18.02 11.94 -3.27
N GLU A 174 -19.25 11.45 -3.17
CA GLU A 174 -20.44 12.11 -2.70
C GLU A 174 -21.30 11.01 -2.04
N PRO A 175 -22.36 11.33 -1.26
CA PRO A 175 -23.23 10.25 -0.75
C PRO A 175 -23.95 9.48 -1.86
N HIS A 176 -23.95 8.14 -1.74
CA HIS A 176 -24.73 7.29 -2.62
C HIS A 176 -25.45 6.24 -1.79
N ASP A 177 -26.63 5.85 -2.27
CA ASP A 177 -27.42 4.83 -1.62
C ASP A 177 -27.02 3.48 -2.20
N PHE A 178 -26.72 2.54 -1.29
CA PHE A 178 -26.33 1.19 -1.66
C PHE A 178 -27.34 0.20 -1.08
N LYS A 179 -27.54 -0.91 -1.82
CA LYS A 179 -28.39 -1.99 -1.38
C LYS A 179 -27.64 -3.31 -1.61
N VAL A 180 -27.67 -4.20 -0.58
CA VAL A 180 -27.01 -5.50 -0.64
C VAL A 180 -28.00 -6.61 -0.29
N ARG A 181 -28.00 -7.69 -1.09
CA ARG A 181 -28.77 -8.90 -0.78
C ARG A 181 -27.84 -10.09 -0.95
N VAL A 182 -28.00 -11.12 -0.08
CA VAL A 182 -27.18 -12.34 -0.10
C VAL A 182 -28.14 -13.48 -0.43
N ARG A 183 -27.69 -14.38 -1.34
CA ARG A 183 -28.45 -15.58 -1.74
C ARG A 183 -27.53 -16.81 -1.82
N ASP A 184 -28.11 -18.02 -1.80
CA ASP A 184 -27.32 -19.25 -1.82
C ASP A 184 -27.74 -20.04 -3.05
N LEU A 185 -27.08 -21.22 -3.28
CA LEU A 185 -27.32 -22.02 -4.47
C LEU A 185 -28.54 -22.93 -4.25
N TYR A 186 -29.24 -22.71 -3.13
CA TYR A 186 -30.47 -23.40 -2.78
C TYR A 186 -31.70 -22.51 -2.98
N ASP A 187 -31.54 -21.31 -3.53
CA ASP A 187 -32.68 -20.43 -3.84
C ASP A 187 -33.18 -19.66 -2.62
N ASN A 188 -32.43 -19.64 -1.50
CA ASN A 188 -32.78 -18.78 -0.38
C ASN A 188 -32.25 -17.36 -0.69
N GLN A 189 -32.91 -16.28 -0.21
CA GLN A 189 -32.43 -14.89 -0.41
C GLN A 189 -32.78 -13.99 0.78
N SER A 190 -31.86 -13.08 1.15
CA SER A 190 -31.95 -12.35 2.41
C SER A 190 -32.83 -11.12 2.24
N GLU A 191 -33.19 -10.45 3.36
CA GLU A 191 -33.68 -9.07 3.31
C GLU A 191 -32.55 -8.19 2.80
N GLU A 192 -32.91 -7.02 2.23
CA GLU A 192 -31.98 -6.04 1.73
C GLU A 192 -31.33 -5.31 2.89
N TYR A 193 -30.02 -5.12 2.82
CA TYR A 193 -29.34 -4.16 3.66
C TYR A 193 -29.14 -2.86 2.89
N LEU A 194 -29.60 -1.74 3.46
CA LEU A 194 -29.45 -0.43 2.85
C LEU A 194 -28.47 0.45 3.60
N THR A 195 -27.58 1.13 2.87
CA THR A 195 -26.72 2.11 3.55
C THR A 195 -26.45 3.26 2.59
N THR A 196 -26.32 4.47 3.17
CA THR A 196 -25.90 5.63 2.38
C THR A 196 -24.47 6.00 2.79
N LEU A 197 -23.53 5.97 1.84
CA LEU A 197 -22.12 6.18 2.19
C LEU A 197 -21.46 7.08 1.16
N THR A 198 -20.48 7.86 1.62
CA THR A 198 -19.64 8.59 0.70
C THR A 198 -18.33 7.88 0.44
N PRO A 199 -18.02 7.51 -0.82
CA PRO A 199 -16.71 6.97 -1.17
C PRO A 199 -15.56 7.85 -0.72
N LEU A 200 -14.44 7.16 -0.40
CA LEU A 200 -13.28 7.94 -0.06
C LEU A 200 -12.61 8.57 -1.28
N TYR A 201 -12.01 9.74 -1.02
CA TYR A 201 -11.29 10.53 -2.02
C TYR A 201 -9.87 10.80 -1.50
N GLU A 202 -8.86 10.55 -2.33
CA GLU A 202 -7.52 10.55 -1.73
C GLU A 202 -6.98 12.00 -1.84
N GLU A 203 -6.07 12.32 -0.95
CA GLU A 203 -5.27 13.53 -1.08
C GLU A 203 -3.82 13.10 -0.93
N LYS A 204 -2.87 13.99 -1.32
CA LYS A 204 -1.48 13.73 -1.01
C LYS A 204 -1.31 14.03 0.48
N LEU A 205 -0.84 13.05 1.29
CA LEU A 205 -0.70 13.30 2.71
C LEU A 205 0.42 14.34 2.91
N ASP A 206 0.27 15.16 3.95
CA ASP A 206 1.19 16.28 4.23
C ASP A 206 2.60 15.76 4.51
N LEU A 207 3.50 15.99 3.55
CA LEU A 207 4.86 15.48 3.61
C LEU A 207 5.64 16.03 4.80
N THR A 208 5.30 17.26 5.23
CA THR A 208 6.09 17.88 6.28
C THR A 208 5.92 17.22 7.63
N LYS A 209 4.89 16.34 7.75
CA LYS A 209 4.68 15.60 9.01
C LYS A 209 5.40 14.23 9.00
N PHE A 210 6.01 13.85 7.86
CA PHE A 210 6.69 12.55 7.80
C PHE A 210 8.08 12.61 8.43
N LYS A 211 8.36 11.71 9.36
CA LYS A 211 9.62 11.70 10.13
C LYS A 211 10.23 10.32 10.22
N THR A 212 11.56 10.24 10.31
CA THR A 212 12.22 9.00 10.63
C THR A 212 11.67 8.47 11.97
N PHE A 213 11.43 7.13 12.02
CA PHE A 213 11.00 6.52 13.28
C PHE A 213 11.83 5.26 13.49
N TYR A 214 13.07 5.48 13.93
CA TYR A 214 14.12 4.44 13.90
C TYR A 214 13.91 3.44 15.06
N LEU A 215 13.67 2.16 14.71
CA LEU A 215 13.53 1.06 15.65
C LEU A 215 14.83 0.21 15.64
N ALA A 216 15.01 -0.58 16.73
CA ALA A 216 16.35 -1.12 16.96
C ALA A 216 16.90 -2.09 15.91
N ASN A 217 16.00 -2.81 15.22
CA ASN A 217 16.43 -3.74 14.20
C ASN A 217 16.17 -3.21 12.77
N ASP A 218 16.16 -1.87 12.64
CA ASP A 218 15.97 -1.30 11.30
C ASP A 218 17.35 -1.00 10.69
N ILE A 219 17.43 -1.02 9.34
CA ILE A 219 18.62 -0.47 8.69
C ILE A 219 18.64 1.04 8.89
N LYS A 220 19.84 1.57 8.91
CA LYS A 220 20.10 3.00 9.01
C LYS A 220 20.05 3.59 7.60
N MET A 221 19.51 4.84 7.50
CA MET A 221 19.34 5.46 6.19
C MET A 221 19.96 6.87 6.19
N ASP A 222 20.99 7.05 7.01
CA ASP A 222 21.59 8.37 7.23
C ASP A 222 23.01 8.45 6.66
N ASN A 223 23.28 7.68 5.61
CA ASN A 223 24.59 7.74 4.99
C ASN A 223 24.63 8.93 3.99
N ALA A 224 25.86 9.38 3.66
CA ALA A 224 26.19 10.25 2.55
C ALA A 224 25.49 11.61 2.71
N GLY A 225 25.31 12.02 3.98
CA GLY A 225 24.89 13.38 4.26
C GLY A 225 23.40 13.61 4.26
N HIS A 226 22.60 12.50 4.20
CA HIS A 226 21.16 12.71 4.18
C HIS A 226 20.52 11.86 5.28
N THR A 227 19.21 11.92 5.40
CA THR A 227 18.47 11.09 6.34
C THR A 227 17.26 10.46 5.67
N LEU A 228 16.61 9.51 6.36
CA LEU A 228 15.39 8.97 5.81
C LEU A 228 14.37 10.04 5.46
N GLU A 229 14.37 11.16 6.23
CA GLU A 229 13.36 12.19 6.00
C GLU A 229 13.58 12.91 4.66
N SER A 230 14.74 12.76 4.00
CA SER A 230 14.94 13.24 2.64
C SER A 230 13.97 12.63 1.66
N LEU A 231 13.37 11.45 1.98
CA LEU A 231 12.40 10.91 1.04
C LEU A 231 11.10 11.70 0.98
N PHE A 232 10.97 12.71 1.87
CA PHE A 232 9.70 13.42 1.94
C PHE A 232 9.95 14.93 1.89
N ASN A 233 11.01 15.35 1.23
CA ASN A 233 11.34 16.79 1.21
C ASN A 233 10.87 17.52 -0.07
N GLY A 234 10.27 16.80 -1.00
CA GLY A 234 9.75 17.31 -2.26
C GLY A 234 10.76 17.25 -3.41
N ASP A 235 12.05 16.99 -3.15
CA ASP A 235 13.07 17.08 -4.21
C ASP A 235 13.12 15.73 -4.93
N HIS A 236 12.74 15.74 -6.21
CA HIS A 236 12.74 14.50 -6.97
C HIS A 236 12.89 14.84 -8.47
N GLY A 237 13.14 13.80 -9.27
CA GLY A 237 13.17 13.88 -10.72
C GLY A 237 14.54 13.49 -11.27
N LEU A 238 14.63 13.49 -12.59
CA LEU A 238 15.78 12.94 -13.32
C LEU A 238 17.07 13.57 -12.87
N ASN A 239 17.07 14.91 -12.76
CA ASN A 239 18.28 15.66 -12.50
C ASN A 239 18.54 15.90 -10.99
N SER A 240 17.71 15.35 -10.13
CA SER A 240 17.83 15.55 -8.69
C SER A 240 19.03 14.77 -8.12
N TRP A 241 19.68 15.42 -7.16
CA TRP A 241 20.74 14.78 -6.35
C TRP A 241 20.19 14.33 -4.98
N ASN A 242 18.85 14.36 -4.79
CA ASN A 242 18.33 14.00 -3.46
C ASN A 242 18.26 12.47 -3.26
N TYR A 243 18.45 12.06 -1.99
CA TYR A 243 18.25 10.64 -1.74
C TYR A 243 18.25 10.44 -0.22
N ALA A 244 17.73 9.28 0.20
CA ALA A 244 18.11 8.70 1.51
C ALA A 244 18.96 7.47 1.17
N HIS A 245 20.07 7.28 1.86
CA HIS A 245 21.10 6.33 1.42
C HIS A 245 21.51 5.47 2.60
N GLY A 246 21.37 4.12 2.38
CA GLY A 246 21.84 3.20 3.42
C GLY A 246 23.33 2.84 3.37
N TYR A 247 23.66 1.83 4.18
CA TYR A 247 25.00 1.26 4.23
C TYR A 247 25.03 -0.10 3.56
N ASP A 248 26.23 -0.53 3.14
CA ASP A 248 26.38 -1.84 2.55
C ASP A 248 26.11 -2.92 3.58
N PHE A 249 25.52 -3.99 3.08
CA PHE A 249 25.34 -5.18 3.89
C PHE A 249 25.44 -6.38 2.97
N ASN A 250 25.50 -7.57 3.56
CA ASN A 250 25.62 -8.77 2.75
C ASN A 250 24.21 -9.20 2.33
N PRO A 251 23.90 -9.45 1.03
CA PRO A 251 22.52 -9.77 0.57
C PRO A 251 21.92 -11.01 1.22
N SER A 252 22.78 -11.83 1.88
CA SER A 252 22.29 -12.97 2.67
C SER A 252 21.34 -12.50 3.79
N GLU A 253 21.46 -11.20 4.15
CA GLU A 253 20.64 -10.64 5.21
C GLU A 253 19.26 -10.16 4.73
N PHE A 254 18.98 -10.13 3.42
CA PHE A 254 17.61 -9.75 3.04
C PHE A 254 16.64 -10.75 3.67
N PRO A 255 15.42 -10.36 4.12
CA PRO A 255 14.84 -9.01 4.00
C PRO A 255 15.33 -8.08 5.11
N VAL A 256 15.42 -6.81 4.75
CA VAL A 256 15.75 -5.77 5.71
C VAL A 256 14.63 -4.74 5.70
N TRP A 257 14.62 -3.76 6.63
CA TRP A 257 13.47 -2.87 6.65
C TRP A 257 13.90 -1.52 7.27
N PHE A 258 13.12 -0.48 6.94
CA PHE A 258 13.20 0.79 7.63
C PHE A 258 11.78 1.25 7.98
N THR A 259 11.72 2.20 8.93
CA THR A 259 10.48 2.60 9.59
C THR A 259 10.36 4.11 9.60
N PHE A 260 9.16 4.60 9.23
CA PHE A 260 8.98 6.04 9.39
C PHE A 260 7.56 6.33 9.92
N ASP A 261 7.36 7.55 10.39
CA ASP A 261 6.08 8.00 10.96
C ASP A 261 5.47 8.93 9.90
N MET A 262 4.26 8.71 9.50
CA MET A 262 3.54 9.62 8.61
C MET A 262 3.10 10.92 9.34
N GLY A 263 3.11 10.91 10.66
CA GLY A 263 2.76 12.05 11.47
C GLY A 263 1.25 12.31 11.59
N GLN A 264 0.47 11.34 11.11
CA GLN A 264 -0.98 11.37 11.24
C GLN A 264 -1.46 9.97 10.85
N THR A 265 -2.72 9.71 11.15
CA THR A 265 -3.30 8.42 10.77
C THR A 265 -4.15 8.59 9.50
N ALA A 266 -4.10 7.62 8.61
CA ALA A 266 -4.82 7.73 7.35
C ALA A 266 -5.22 6.35 6.83
N GLN A 267 -6.32 6.32 6.05
CA GLN A 267 -6.69 5.21 5.20
C GLN A 267 -5.95 5.40 3.89
N LEU A 268 -5.01 4.49 3.54
CA LEU A 268 -4.15 4.70 2.40
C LEU A 268 -4.74 4.14 1.11
N SER A 269 -4.52 4.88 0.03
CA SER A 269 -4.93 4.50 -1.32
C SER A 269 -3.76 3.98 -2.14
N ARG A 270 -2.71 4.76 -2.25
CA ARG A 270 -1.59 4.40 -3.13
C ARG A 270 -0.38 5.26 -2.76
N PHE A 271 0.80 4.88 -3.28
CA PHE A 271 1.94 5.76 -3.12
C PHE A 271 2.75 5.73 -4.41
N THR A 272 3.62 6.75 -4.53
CA THR A 272 4.51 6.90 -5.67
C THR A 272 5.95 6.86 -5.14
N SER A 273 6.83 6.09 -5.82
CA SER A 273 8.21 5.86 -5.34
C SER A 273 9.15 6.30 -6.45
N TRP A 274 10.16 7.13 -6.09
CA TRP A 274 11.22 7.46 -7.02
C TRP A 274 12.56 6.92 -6.59
N GLN A 275 13.29 6.32 -7.56
CA GLN A 275 14.64 5.87 -7.35
C GLN A 275 15.62 7.07 -7.38
N ARG A 276 16.79 6.89 -6.71
CA ARG A 276 17.83 7.94 -6.82
C ARG A 276 18.33 7.88 -8.27
N SER A 277 18.65 9.06 -8.83
CA SER A 277 18.80 9.21 -10.27
C SER A 277 20.13 9.84 -10.64
N MET A 278 20.40 11.12 -10.23
CA MET A 278 21.63 11.84 -10.52
C MET A 278 21.90 11.85 -12.02
N GLY A 279 20.85 12.18 -12.76
CA GLY A 279 20.97 12.29 -14.20
C GLY A 279 20.45 11.07 -14.98
N GLY A 280 20.20 9.97 -14.29
CA GLY A 280 19.61 8.75 -14.80
C GLY A 280 20.50 7.51 -14.72
N SER A 281 21.83 7.69 -14.63
CA SER A 281 22.64 6.48 -14.75
C SER A 281 22.53 5.59 -13.51
N TYR A 282 21.97 6.11 -12.42
CA TYR A 282 21.83 5.34 -11.18
C TYR A 282 20.54 4.54 -11.10
N TYR A 283 19.63 4.76 -12.05
CA TYR A 283 18.43 3.94 -12.03
C TYR A 283 18.75 2.44 -12.15
N TYR A 284 17.94 1.67 -11.44
CA TYR A 284 17.89 0.22 -11.55
C TYR A 284 19.25 -0.41 -11.14
N ARG A 285 19.94 0.25 -10.21
CA ARG A 285 21.17 -0.28 -9.60
C ARG A 285 21.49 0.63 -8.40
N ALA A 286 22.56 0.28 -7.67
CA ALA A 286 23.09 1.18 -6.65
C ALA A 286 22.02 1.60 -5.63
N GLY A 287 21.33 0.60 -5.12
CA GLY A 287 20.40 0.78 -4.02
C GLY A 287 18.94 0.83 -4.47
N ALA A 288 18.70 0.84 -5.79
CA ALA A 288 17.34 0.86 -6.22
C ALA A 288 16.64 -0.45 -5.80
N ILE A 289 15.53 -0.34 -5.05
CA ILE A 289 14.80 -1.53 -4.61
C ILE A 289 13.96 -2.17 -5.71
N LYS A 290 13.80 -3.50 -5.61
CA LYS A 290 13.11 -4.26 -6.67
C LYS A 290 11.78 -4.80 -6.15
N GLU A 291 11.80 -5.73 -5.19
CA GLU A 291 10.57 -6.16 -4.55
C GLU A 291 10.59 -5.82 -3.06
N TRP A 292 9.42 -5.43 -2.57
CA TRP A 292 9.31 -5.16 -1.14
C TRP A 292 7.83 -5.29 -0.74
N GLU A 293 7.61 -5.25 0.58
CA GLU A 293 6.31 -5.13 1.16
C GLU A 293 6.23 -3.83 1.95
N VAL A 294 5.02 -3.26 1.98
CA VAL A 294 4.75 -2.12 2.85
C VAL A 294 3.87 -2.60 4.00
N TRP A 295 4.31 -2.35 5.24
CA TRP A 295 3.57 -2.75 6.43
C TRP A 295 3.20 -1.51 7.21
N GLY A 296 2.19 -1.63 8.05
CA GLY A 296 1.83 -0.42 8.82
C GLY A 296 1.18 -0.75 10.16
N ARG A 297 1.02 0.27 11.03
CA ARG A 297 0.17 0.18 12.21
C ARG A 297 -0.28 1.58 12.62
N SER A 298 -1.37 1.64 13.41
CA SER A 298 -1.85 2.94 13.84
C SER A 298 -1.31 3.35 15.22
N ASP A 299 -0.88 2.36 16.02
CA ASP A 299 -0.44 2.59 17.39
C ASP A 299 1.10 2.57 17.46
N LEU A 300 1.64 3.16 18.52
CA LEU A 300 3.09 3.27 18.72
C LEU A 300 3.78 1.91 18.53
N PRO A 301 4.79 1.82 17.66
CA PRO A 301 5.66 0.63 17.57
C PRO A 301 6.42 0.42 18.87
N SER A 302 6.74 -0.84 19.12
CA SER A 302 7.73 -1.17 20.15
C SER A 302 9.14 -0.76 19.66
N SER A 303 9.93 -0.24 20.58
CA SER A 303 11.26 0.32 20.27
C SER A 303 12.25 -0.74 19.77
N ASP A 304 11.97 -2.05 20.09
CA ASP A 304 12.89 -3.12 19.69
C ASP A 304 12.73 -3.44 18.20
N GLY A 305 11.64 -2.92 17.61
CA GLY A 305 11.33 -3.19 16.21
C GLY A 305 10.69 -4.56 15.98
N SER A 306 10.13 -5.11 17.04
CA SER A 306 9.40 -6.38 16.84
C SER A 306 8.30 -6.21 15.80
N TRP A 307 8.07 -7.27 15.00
CA TRP A 307 7.02 -7.20 13.99
C TRP A 307 5.60 -7.46 14.55
N ASP A 308 5.51 -7.82 15.84
CA ASP A 308 4.23 -7.97 16.50
C ASP A 308 3.47 -6.64 16.42
N GLY A 309 2.21 -6.70 15.98
CA GLY A 309 1.39 -5.49 15.98
C GLY A 309 1.41 -4.75 14.63
N TRP A 310 2.23 -5.23 13.68
CA TRP A 310 2.32 -4.67 12.34
C TRP A 310 1.43 -5.46 11.39
N THR A 311 0.78 -4.78 10.42
CA THR A 311 -0.14 -5.35 9.42
C THR A 311 0.45 -5.12 8.03
N LYS A 312 0.42 -6.13 7.18
CA LYS A 312 0.89 -5.96 5.82
C LYS A 312 -0.15 -5.19 4.98
N LEU A 313 0.38 -4.19 4.24
CA LEU A 313 -0.50 -3.32 3.45
C LEU A 313 -0.36 -3.46 1.93
N ALA A 314 0.78 -3.93 1.40
CA ALA A 314 1.00 -3.98 -0.06
C ALA A 314 2.20 -4.86 -0.33
N ASP A 315 2.11 -5.58 -1.47
CA ASP A 315 3.25 -6.24 -2.08
C ASP A 315 3.57 -5.40 -3.31
N CYS A 316 4.87 -5.17 -3.50
CA CYS A 316 5.25 -4.22 -4.50
C CYS A 316 6.42 -4.74 -5.32
N GLU A 317 6.40 -4.48 -6.61
CA GLU A 317 7.55 -4.77 -7.49
C GLU A 317 7.82 -3.60 -8.43
N SER A 318 9.03 -3.02 -8.32
CA SER A 318 9.49 -2.00 -9.26
C SER A 318 9.88 -2.71 -10.56
N ILE A 319 9.22 -2.31 -11.67
CA ILE A 319 9.43 -2.88 -13.01
C ILE A 319 10.51 -2.07 -13.75
N LYS A 320 11.41 -2.81 -14.46
CA LYS A 320 12.34 -2.22 -15.42
C LYS A 320 11.78 -2.44 -16.82
N PRO A 321 11.12 -1.48 -17.48
CA PRO A 321 10.42 -1.77 -18.76
C PRO A 321 11.23 -2.57 -19.79
N SER A 322 12.51 -2.22 -19.96
CA SER A 322 13.35 -2.91 -20.95
C SER A 322 13.67 -4.36 -20.58
N GLY A 323 13.73 -4.64 -19.26
CA GLY A 323 14.19 -5.92 -18.78
C GLY A 323 15.71 -6.13 -19.04
N TRP A 324 16.47 -5.06 -19.35
CA TRP A 324 17.90 -5.19 -19.62
C TRP A 324 18.65 -5.50 -18.34
N PRO A 325 19.85 -6.09 -18.46
CA PRO A 325 20.64 -6.39 -17.26
C PRO A 325 21.13 -5.15 -16.51
N THR A 326 21.62 -5.38 -15.28
CA THR A 326 22.18 -4.29 -14.49
C THR A 326 23.20 -3.52 -15.30
N GLY A 327 23.13 -2.19 -15.17
CA GLY A 327 24.10 -1.29 -15.78
C GLY A 327 23.70 -0.84 -17.18
N SER A 328 22.61 -1.39 -17.73
CA SER A 328 22.12 -0.98 -19.04
C SER A 328 20.68 -0.50 -18.84
N ASN A 329 20.46 0.82 -18.99
CA ASN A 329 19.11 1.36 -18.85
C ASN A 329 18.67 1.91 -20.22
N SER A 330 17.44 1.60 -20.65
CA SER A 330 16.95 2.10 -21.93
C SER A 330 16.46 3.54 -21.73
N GLU A 331 16.14 4.24 -22.83
CA GLU A 331 15.53 5.56 -22.73
C GLU A 331 14.18 5.45 -22.04
N GLU A 332 13.42 4.40 -22.37
CA GLU A 332 12.11 4.11 -21.76
C GLU A 332 12.24 3.83 -20.27
N ASP A 333 13.28 3.08 -19.86
CA ASP A 333 13.56 2.86 -18.44
C ASP A 333 13.78 4.19 -17.71
N ILE A 334 14.58 5.07 -18.28
CA ILE A 334 14.95 6.32 -17.60
C ILE A 334 13.76 7.29 -17.50
N THR A 335 13.03 7.45 -18.59
CA THR A 335 11.81 8.23 -18.54
C THR A 335 10.83 7.65 -17.51
N TYR A 336 10.54 6.35 -17.61
CA TYR A 336 9.61 5.69 -16.69
C TYR A 336 10.00 5.93 -15.23
N ALA A 337 11.25 5.65 -14.87
CA ALA A 337 11.58 5.81 -13.47
C ALA A 337 11.52 7.26 -13.03
N SER A 338 11.92 8.19 -13.92
CA SER A 338 11.97 9.58 -13.49
C SER A 338 10.55 10.14 -13.20
N LYS A 339 9.51 9.53 -13.80
CA LYS A 339 8.13 9.99 -13.63
C LYS A 339 7.48 9.46 -12.34
N GLY A 340 8.17 8.57 -11.60
CA GLY A 340 7.62 8.04 -10.36
C GLY A 340 6.87 6.73 -10.63
N GLU A 341 7.14 5.75 -9.80
CA GLU A 341 6.54 4.38 -9.90
C GLU A 341 5.36 4.28 -8.96
N GLU A 342 4.22 3.83 -9.51
CA GLU A 342 2.97 3.91 -8.77
C GLU A 342 2.58 2.54 -8.21
N PHE A 343 2.13 2.52 -6.95
CA PHE A 343 1.70 1.28 -6.31
C PHE A 343 0.38 1.50 -5.56
N GLU A 344 -0.55 0.54 -5.62
CA GLU A 344 -1.84 0.68 -4.95
C GLU A 344 -1.84 -0.21 -3.71
N PHE A 345 -2.54 0.27 -2.68
CA PHE A 345 -2.62 -0.50 -1.46
C PHE A 345 -3.81 -1.42 -1.49
N LEU A 346 -3.74 -2.43 -0.60
CA LEU A 346 -4.88 -3.32 -0.41
C LEU A 346 -6.09 -2.53 0.14
N ALA A 347 -7.33 -2.88 -0.28
CA ALA A 347 -8.56 -2.29 0.27
C ALA A 347 -8.82 -2.72 1.72
N ASP A 348 -8.43 -3.95 2.08
CA ASP A 348 -8.80 -4.51 3.36
C ASP A 348 -7.70 -4.18 4.38
N ILE A 349 -7.32 -2.91 4.47
CA ILE A 349 -6.24 -2.60 5.40
C ILE A 349 -6.86 -1.63 6.41
N PRO A 350 -6.34 -1.55 7.66
CA PRO A 350 -6.86 -0.66 8.68
C PRO A 350 -6.22 0.72 8.41
N PRO A 351 -6.72 1.80 9.05
CA PRO A 351 -6.00 3.08 9.05
C PRO A 351 -4.65 2.82 9.71
N VAL A 352 -3.63 3.57 9.27
CA VAL A 352 -2.27 3.36 9.82
C VAL A 352 -1.59 4.74 9.92
N ARG A 353 -0.52 4.79 10.73
CA ARG A 353 0.29 6.02 10.88
C ARG A 353 1.76 5.65 10.68
N TYR A 354 2.24 4.56 11.32
CA TYR A 354 3.62 4.15 11.20
C TYR A 354 3.78 3.20 10.04
N ILE A 355 4.87 3.33 9.27
CA ILE A 355 5.04 2.58 8.03
C ILE A 355 6.40 1.90 8.04
N ARG A 356 6.44 0.65 7.55
CA ARG A 356 7.71 0.00 7.26
C ARG A 356 7.77 -0.43 5.81
N PHE A 357 8.96 -0.29 5.20
CA PHE A 357 9.29 -0.94 3.95
C PHE A 357 10.19 -2.11 4.26
N LYS A 358 9.65 -3.34 4.00
CA LYS A 358 10.42 -4.55 4.15
C LYS A 358 10.97 -4.90 2.77
N ILE A 359 12.29 -4.69 2.62
CA ILE A 359 12.91 -4.82 1.31
C ILE A 359 13.28 -6.29 1.13
N LEU A 360 12.79 -6.91 0.05
CA LEU A 360 13.09 -8.31 -0.23
C LEU A 360 14.30 -8.42 -1.18
N SER A 361 14.40 -7.48 -2.14
CA SER A 361 15.40 -7.58 -3.21
C SER A 361 15.77 -6.18 -3.73
N THR A 362 16.90 -6.10 -4.45
CA THR A 362 17.28 -4.88 -5.15
C THR A 362 17.51 -5.20 -6.62
N HIS A 363 17.43 -4.18 -7.49
CA HIS A 363 17.57 -4.39 -8.93
C HIS A 363 18.93 -5.00 -9.29
N ASP A 364 20.00 -4.56 -8.62
CA ASP A 364 21.35 -5.12 -8.93
C ASP A 364 21.73 -6.27 -8.01
N GLY A 365 20.83 -6.63 -7.06
CA GLY A 365 21.06 -7.70 -6.10
C GLY A 365 22.04 -7.40 -4.98
N ALA A 366 22.71 -6.22 -4.98
CA ALA A 366 23.62 -5.87 -3.89
C ALA A 366 22.85 -5.49 -2.63
N GLY A 367 23.52 -5.65 -1.47
CA GLY A 367 22.95 -5.32 -0.18
C GLY A 367 23.14 -3.82 0.03
N LEU A 368 22.19 -3.06 -0.56
CA LEU A 368 22.28 -1.58 -0.38
C LEU A 368 20.90 -1.02 -0.74
N VAL A 369 20.37 -0.11 0.10
CA VAL A 369 19.09 0.52 -0.19
C VAL A 369 19.34 2.01 -0.37
N VAL A 370 18.85 2.57 -1.50
CA VAL A 370 19.03 4.02 -1.70
C VAL A 370 17.78 4.42 -2.50
N MET A 371 17.06 5.42 -2.04
CA MET A 371 15.87 5.89 -2.81
C MET A 371 15.82 7.40 -2.84
N GLN A 372 14.89 7.97 -3.66
CA GLN A 372 14.91 9.44 -3.83
C GLN A 372 13.70 10.05 -3.13
N GLN A 373 12.53 9.41 -3.20
CA GLN A 373 11.29 10.12 -2.78
C GLN A 373 10.14 9.12 -2.62
N LEU A 374 9.22 9.40 -1.65
CA LEU A 374 8.01 8.56 -1.51
C LEU A 374 6.84 9.51 -1.19
N TRP A 375 5.83 9.53 -2.07
CA TRP A 375 4.64 10.31 -1.77
C TRP A 375 3.46 9.37 -1.50
N PHE A 376 2.72 9.61 -0.40
CA PHE A 376 1.61 8.72 0.00
C PHE A 376 0.29 9.46 -0.23
N TYR A 377 -0.73 8.71 -0.59
CA TYR A 377 -2.04 9.27 -0.87
C TYR A 377 -3.05 8.55 -0.03
N GLY A 378 -4.11 9.25 0.42
CA GLY A 378 -5.17 8.55 1.12
C GLY A 378 -6.10 9.59 1.77
N THR A 379 -6.77 9.17 2.82
CA THR A 379 -7.74 10.00 3.50
C THR A 379 -7.35 10.07 4.98
N PRO A 380 -6.94 11.25 5.47
CA PRO A 380 -6.66 11.42 6.88
C PRO A 380 -7.86 11.10 7.74
N ILE A 381 -7.58 10.58 8.92
CA ILE A 381 -8.70 10.23 9.79
C ILE A 381 -9.39 11.42 10.51
C1 EDO B . 26.51 9.98 -3.20
O1 EDO B . 26.52 10.07 -4.62
C2 EDO B . 25.74 8.77 -2.78
O2 EDO B . 25.85 7.58 -3.59
#